data_7ZV7
#
_entry.id   7ZV7
#
_cell.length_a   112.457
_cell.length_b   54.189
_cell.length_c   45.701
_cell.angle_alpha   90.000
_cell.angle_beta   99.490
_cell.angle_gamma   90.000
#
_symmetry.space_group_name_H-M   'C 1 2 1'
#
loop_
_entity.id
_entity.type
_entity.pdbx_description
1 polymer '3C-like proteinase nsp5'
2 polymer 'inhibitor 57'
3 non-polymer 'DIMETHYL SULFOXIDE'
4 water water
#
loop_
_entity_poly.entity_id
_entity_poly.type
_entity_poly.pdbx_seq_one_letter_code
_entity_poly.pdbx_strand_id
1 'polypeptide(L)'
;SGFRKMAFPSGKVEGCMVQVTCGTTTLNGLWLDDVVYCPRHVICTSEDMLNPNYEDLLIRKSNHNFLVQAGNVQLRVIGH
SMQNCVLKLKVDTANPKTPKYKFVRIQPGQTFSVLACYNGSPSGVYQCAMRPNFTIKGSFLNGSCGSVGFNIDYDCVSFC
YMHHMELPTGVHAGTDLEGNFYGPFVDRQTAQAAGTDTTITVNVLAWLYAAVINGDRWFLNRFTTTLNDFNLVAMKYNYE
PLTQDHVDILGPLSAQTGIAVLDMCASLKELLQNGMNGRTILGSALLEDEFTPFDVVRQCSGVTFQ
;
A
2 'polypeptide(L)' (BOC)GF(HSV) B
#
# COMPACT_ATOMS: atom_id res chain seq x y z
N SER A 1 -2.87 23.86 -11.48
CA SER A 1 -2.02 22.79 -11.98
C SER A 1 -0.99 22.37 -10.93
N GLY A 2 -0.17 21.41 -11.29
CA GLY A 2 0.81 20.79 -10.42
C GLY A 2 0.39 19.36 -10.19
N PHE A 3 1.35 18.48 -10.02
CA PHE A 3 1.05 17.09 -9.77
C PHE A 3 1.96 16.57 -8.71
N ARG A 4 1.35 16.14 -7.61
CA ARG A 4 2.09 15.68 -6.45
C ARG A 4 1.59 14.35 -5.95
N LYS A 5 2.46 13.59 -5.31
CA LYS A 5 2.02 12.37 -4.63
C LYS A 5 1.24 12.85 -3.37
N MET A 6 -0.05 12.56 -3.30
CA MET A 6 -0.94 13.11 -2.33
C MET A 6 -1.58 12.03 -1.50
N ALA A 7 -1.53 12.12 -0.19
CA ALA A 7 -2.18 11.14 0.66
C ALA A 7 -3.61 11.58 0.95
N PHE A 8 -4.45 10.66 1.36
CA PHE A 8 -5.81 11.01 1.80
C PHE A 8 -5.69 11.76 3.11
N PRO A 9 -6.65 12.66 3.41
CA PRO A 9 -6.69 13.25 4.75
C PRO A 9 -6.80 12.12 5.79
N SER A 10 -6.02 12.21 6.85
CA SER A 10 -5.87 11.09 7.77
C SER A 10 -6.69 11.13 9.03
N GLY A 11 -7.44 12.19 9.26
CA GLY A 11 -8.21 12.34 10.49
C GLY A 11 -9.05 11.17 10.95
N LYS A 12 -9.80 10.60 10.00
CA LYS A 12 -10.68 9.46 10.32
C LYS A 12 -9.90 8.27 10.85
N VAL A 13 -8.67 8.08 10.38
CA VAL A 13 -7.84 6.96 10.82
C VAL A 13 -7.07 7.30 12.09
N GLU A 14 -6.66 8.57 12.27
CA GLU A 14 -5.93 8.97 13.48
C GLU A 14 -6.66 8.58 14.77
N GLY A 15 -7.98 8.78 14.80
CA GLY A 15 -8.78 8.45 15.97
C GLY A 15 -8.94 6.97 16.27
N CYS A 16 -8.43 6.10 15.38
CA CYS A 16 -8.48 4.66 15.55
C CYS A 16 -7.16 4.09 16.08
N MET A 17 -6.09 4.88 16.16
CA MET A 17 -4.79 4.30 16.51
C MET A 17 -4.58 4.22 17.99
N VAL A 18 -4.14 3.04 18.44
CA VAL A 18 -3.86 2.77 19.85
C VAL A 18 -2.50 2.06 19.96
N GLN A 19 -1.99 1.94 21.19
CA GLN A 19 -0.76 1.25 21.47
C GLN A 19 -1.07 -0.10 22.10
N VAL A 20 -0.40 -1.17 21.63
CA VAL A 20 -0.56 -2.50 22.16
C VAL A 20 0.79 -3.01 22.64
N THR A 21 0.86 -3.47 23.88
CA THR A 21 2.08 -3.99 24.45
C THR A 21 1.81 -5.37 24.98
N CYS A 22 2.69 -6.30 24.63
CA CYS A 22 2.68 -7.65 25.13
C CYS A 22 4.12 -7.97 25.45
N GLY A 23 4.41 -8.25 26.73
CA GLY A 23 5.78 -8.50 27.16
C GLY A 23 6.65 -7.27 26.96
N THR A 24 7.79 -7.45 26.27
CA THR A 24 8.67 -6.33 25.96
C THR A 24 8.30 -5.62 24.66
N THR A 25 7.43 -6.23 23.83
CA THR A 25 7.06 -5.68 22.53
C THR A 25 5.94 -4.68 22.56
N THR A 26 6.17 -3.50 21.96
CA THR A 26 5.16 -2.48 21.82
C THR A 26 4.96 -2.21 20.32
N LEU A 27 3.72 -2.20 19.88
CA LEU A 27 3.39 -1.85 18.50
C LEU A 27 2.02 -1.13 18.47
N ASN A 28 1.48 -0.86 17.28
CA ASN A 28 0.22 -0.17 17.16
C ASN A 28 -0.92 -1.12 16.89
N GLY A 29 -2.10 -0.67 17.28
CA GLY A 29 -3.34 -1.35 17.01
C GLY A 29 -4.34 -0.43 16.36
N LEU A 30 -5.32 -1.02 15.68
CA LEU A 30 -6.42 -0.29 15.04
C LEU A 30 -7.68 -0.61 15.82
N TRP A 31 -8.27 0.41 16.45
CA TRP A 31 -9.43 0.27 17.31
C TRP A 31 -10.70 0.69 16.57
N LEU A 32 -11.54 -0.30 16.22
CA LEU A 32 -12.78 -0.10 15.49
C LEU A 32 -13.87 -0.75 16.26
N ASP A 33 -14.90 0.03 16.65
CA ASP A 33 -15.94 -0.51 17.54
C ASP A 33 -15.26 -1.05 18.84
N ASP A 34 -15.56 -2.27 19.31
CA ASP A 34 -14.92 -2.78 20.52
C ASP A 34 -13.81 -3.78 20.23
N VAL A 35 -13.16 -3.68 19.06
CA VAL A 35 -12.07 -4.59 18.71
C VAL A 35 -10.81 -3.81 18.36
N VAL A 36 -9.67 -4.27 18.84
CA VAL A 36 -8.36 -3.72 18.49
C VAL A 36 -7.64 -4.79 17.65
N TYR A 37 -7.26 -4.43 16.43
CA TYR A 37 -6.58 -5.32 15.48
C TYR A 37 -5.10 -4.99 15.49
N CYS A 38 -4.26 -6.02 15.55
CA CYS A 38 -2.81 -5.79 15.49
C CYS A 38 -2.07 -7.02 14.96
N PRO A 39 -0.79 -6.92 14.59
CA PRO A 39 -0.07 -8.12 14.13
C PRO A 39 0.04 -9.15 15.24
N ARG A 40 -0.24 -10.41 14.89
CA ARG A 40 -0.16 -11.45 15.91
C ARG A 40 1.25 -11.68 16.41
N HIS A 41 2.31 -11.26 15.66
CA HIS A 41 3.66 -11.47 16.17
C HIS A 41 3.94 -10.67 17.47
N VAL A 42 3.01 -9.81 17.92
CA VAL A 42 3.16 -9.13 19.20
C VAL A 42 3.29 -10.13 20.37
N ILE A 43 2.73 -11.36 20.24
CA ILE A 43 2.80 -12.34 21.32
C ILE A 43 4.12 -13.10 21.40
N CYS A 44 5.00 -12.93 20.41
CA CYS A 44 6.25 -13.66 20.33
C CYS A 44 7.44 -12.97 20.93
N THR A 45 8.30 -13.76 21.55
CA THR A 45 9.62 -13.29 21.95
C THR A 45 10.51 -13.52 20.68
N SER A 46 11.77 -13.02 20.71
CA SER A 46 12.69 -13.23 19.59
C SER A 46 12.97 -14.72 19.38
N GLU A 47 13.05 -15.50 20.47
CA GLU A 47 13.28 -16.94 20.33
C GLU A 47 12.07 -17.64 19.74
N ASP A 48 10.85 -17.20 20.12
CA ASP A 48 9.61 -17.78 19.59
C ASP A 48 9.55 -17.55 18.08
N MET A 49 9.98 -16.38 17.61
CA MET A 49 9.92 -16.06 16.20
C MET A 49 10.66 -17.01 15.29
N LEU A 50 11.69 -17.71 15.76
CA LEU A 50 12.44 -18.62 14.88
C LEU A 50 11.56 -19.77 14.36
N ASN A 51 10.58 -20.21 15.17
CA ASN A 51 9.70 -21.32 14.82
C ASN A 51 8.44 -21.21 15.69
N PRO A 52 7.58 -20.24 15.41
CA PRO A 52 6.43 -20.05 16.31
C PRO A 52 5.25 -20.95 16.03
N ASN A 53 4.68 -21.53 17.09
CA ASN A 53 3.41 -22.24 16.96
C ASN A 53 2.43 -21.23 17.55
N TYR A 54 1.87 -20.38 16.68
CA TYR A 54 0.99 -19.30 17.14
C TYR A 54 -0.21 -19.76 17.91
N GLU A 55 -0.77 -20.93 17.55
CA GLU A 55 -1.90 -21.48 18.27
C GLU A 55 -1.54 -21.77 19.72
N ASP A 56 -0.39 -22.42 19.95
CA ASP A 56 0.05 -22.71 21.32
C ASP A 56 0.45 -21.47 22.07
N LEU A 57 1.13 -20.53 21.40
CA LEU A 57 1.54 -19.30 22.07
C LEU A 57 0.33 -18.48 22.49
N LEU A 58 -0.71 -18.45 21.64
CA LEU A 58 -1.92 -17.69 21.99
C LEU A 58 -2.67 -18.32 23.15
N ILE A 59 -2.69 -19.66 23.21
CA ILE A 59 -3.33 -20.39 24.31
C ILE A 59 -2.69 -19.98 25.65
N ARG A 60 -1.36 -19.82 25.68
CA ARG A 60 -0.66 -19.46 26.91
C ARG A 60 -0.97 -18.03 27.37
N LYS A 61 -1.31 -17.15 26.43
CA LYS A 61 -1.63 -15.77 26.75
C LYS A 61 -3.01 -15.65 27.39
N SER A 62 -3.14 -14.65 28.23
CA SER A 62 -4.41 -14.31 28.89
C SER A 62 -4.71 -12.85 28.54
N ASN A 63 -5.95 -12.39 28.79
CA ASN A 63 -6.33 -11.02 28.51
C ASN A 63 -5.43 -9.99 29.21
N HIS A 64 -5.02 -10.29 30.46
CA HIS A 64 -4.14 -9.40 31.23
C HIS A 64 -2.71 -9.27 30.69
N ASN A 65 -2.32 -10.14 29.77
CA ASN A 65 -1.00 -10.04 29.15
C ASN A 65 -0.95 -8.93 28.06
N PHE A 66 -2.10 -8.33 27.70
CA PHE A 66 -2.16 -7.29 26.69
C PHE A 66 -2.47 -5.97 27.35
N LEU A 67 -1.60 -4.97 27.14
CA LEU A 67 -1.77 -3.62 27.68
C LEU A 67 -2.11 -2.76 26.46
N VAL A 68 -3.34 -2.25 26.40
CA VAL A 68 -3.88 -1.43 25.32
C VAL A 68 -4.16 -0.03 25.80
N GLN A 69 -3.48 0.94 25.20
CA GLN A 69 -3.59 2.35 25.57
C GLN A 69 -4.03 3.20 24.40
N ALA A 70 -5.06 4.03 24.59
CA ALA A 70 -5.54 4.94 23.57
C ALA A 70 -5.37 6.38 24.08
N GLY A 71 -4.20 6.95 23.87
CA GLY A 71 -3.90 8.29 24.33
C GLY A 71 -3.14 8.31 25.64
N LEU A 75 -7.52 0.70 27.84
CA LEU A 75 -8.62 -0.15 27.40
C LEU A 75 -8.44 -1.57 27.94
N ARG A 76 -9.42 -2.05 28.68
CA ARG A 76 -9.36 -3.38 29.25
C ARG A 76 -9.65 -4.41 28.18
N VAL A 77 -8.76 -5.39 28.01
CA VAL A 77 -8.98 -6.46 27.04
C VAL A 77 -9.87 -7.51 27.72
N ILE A 78 -11.02 -7.79 27.10
CA ILE A 78 -11.97 -8.78 27.64
C ILE A 78 -12.05 -10.08 26.80
N GLY A 79 -11.28 -10.15 25.71
CA GLY A 79 -11.23 -11.33 24.87
C GLY A 79 -10.10 -11.21 23.88
N HIS A 80 -9.55 -12.33 23.44
CA HIS A 80 -8.47 -12.31 22.45
C HIS A 80 -8.61 -13.50 21.52
N SER A 81 -8.42 -13.23 20.23
CA SER A 81 -8.48 -14.28 19.22
C SER A 81 -7.55 -13.95 18.08
N MET A 82 -7.33 -14.91 17.21
CA MET A 82 -6.45 -14.80 16.08
C MET A 82 -7.21 -15.08 14.78
N GLN A 83 -6.98 -14.24 13.75
CA GLN A 83 -7.60 -14.46 12.44
C GLN A 83 -6.43 -14.35 11.50
N ASN A 84 -5.98 -15.48 10.96
CA ASN A 84 -4.79 -15.52 10.10
C ASN A 84 -3.58 -14.89 10.89
N CYS A 85 -2.93 -13.84 10.36
CA CYS A 85 -1.80 -13.23 11.05
C CYS A 85 -2.17 -11.97 11.84
N VAL A 86 -3.46 -11.76 12.13
N VAL A 86 -3.47 -11.77 12.14
CA VAL A 86 -3.85 -10.65 12.97
CA VAL A 86 -3.96 -10.62 12.90
C VAL A 86 -4.43 -11.15 14.27
C VAL A 86 -4.57 -11.06 14.23
N LEU A 87 -4.20 -10.36 15.30
CA LEU A 87 -4.70 -10.60 16.61
C LEU A 87 -5.87 -9.60 16.77
N LYS A 88 -6.96 -10.08 17.32
CA LYS A 88 -8.14 -9.26 17.56
C LYS A 88 -8.39 -9.26 19.06
N LEU A 89 -8.17 -8.12 19.69
CA LEU A 89 -8.37 -7.96 21.11
C LEU A 89 -9.71 -7.28 21.32
N LYS A 90 -10.66 -8.04 21.90
CA LYS A 90 -11.97 -7.45 22.21
C LYS A 90 -11.76 -6.61 23.47
N VAL A 91 -12.21 -5.35 23.44
CA VAL A 91 -12.03 -4.45 24.57
C VAL A 91 -13.38 -4.05 25.17
N ASP A 92 -13.35 -3.54 26.40
CA ASP A 92 -14.58 -3.18 27.11
C ASP A 92 -15.23 -1.88 26.63
N THR A 93 -14.59 -1.14 25.72
CA THR A 93 -15.12 0.15 25.27
C THR A 93 -15.10 0.25 23.75
N ALA A 94 -16.22 0.63 23.15
CA ALA A 94 -16.31 0.84 21.71
C ALA A 94 -15.68 2.18 21.40
N ASN A 95 -14.87 2.26 20.33
CA ASN A 95 -14.25 3.51 19.97
C ASN A 95 -15.30 4.52 19.53
N PRO A 96 -15.46 5.63 20.28
CA PRO A 96 -16.45 6.63 19.88
C PRO A 96 -16.05 7.38 18.61
N LYS A 97 -14.78 7.26 18.18
CA LYS A 97 -14.30 7.88 16.96
C LYS A 97 -14.31 6.91 15.76
N THR A 98 -14.97 5.73 15.88
CA THR A 98 -15.02 4.79 14.78
C THR A 98 -15.68 5.39 13.55
N PRO A 99 -14.94 5.50 12.44
CA PRO A 99 -15.54 6.02 11.21
C PRO A 99 -16.32 4.95 10.48
N LYS A 100 -17.05 5.33 9.39
CA LYS A 100 -17.68 4.35 8.51
C LYS A 100 -16.51 3.65 7.79
N TYR A 101 -16.43 2.32 7.86
CA TYR A 101 -15.28 1.62 7.31
C TYR A 101 -15.62 0.29 6.67
N LYS A 102 -14.70 -0.21 5.85
CA LYS A 102 -14.75 -1.53 5.24
C LYS A 102 -13.32 -2.07 5.23
N PHE A 103 -13.16 -3.39 5.19
CA PHE A 103 -11.87 -4.02 5.04
C PHE A 103 -11.83 -4.55 3.62
N VAL A 104 -10.81 -4.15 2.86
CA VAL A 104 -10.67 -4.59 1.49
C VAL A 104 -9.28 -5.15 1.24
N ARG A 105 -9.18 -6.15 0.40
CA ARG A 105 -7.89 -6.68 -0.02
C ARG A 105 -7.61 -6.06 -1.38
N ILE A 106 -6.60 -5.18 -1.43
N ILE A 106 -6.56 -5.26 -1.43
CA ILE A 106 -6.33 -4.47 -2.68
CA ILE A 106 -6.20 -4.51 -2.62
C ILE A 106 -5.50 -5.28 -3.66
C ILE A 106 -5.53 -5.38 -3.68
N GLN A 107 -5.58 -4.92 -4.94
CA GLN A 107 -4.92 -5.59 -6.01
C GLN A 107 -3.51 -5.01 -6.20
N PRO A 108 -2.57 -5.81 -6.71
CA PRO A 108 -1.25 -5.24 -7.04
C PRO A 108 -1.40 -4.13 -8.09
N GLY A 109 -0.62 -3.07 -7.95
CA GLY A 109 -0.67 -1.90 -8.83
C GLY A 109 -1.54 -0.80 -8.27
N GLN A 110 -2.34 -1.08 -7.23
CA GLN A 110 -3.19 -0.08 -6.63
C GLN A 110 -2.49 0.67 -5.53
N THR A 111 -2.94 1.87 -5.25
CA THR A 111 -2.34 2.72 -4.23
C THR A 111 -3.20 2.87 -2.98
N PHE A 112 -2.56 3.32 -1.92
CA PHE A 112 -3.21 3.62 -0.66
C PHE A 112 -2.35 4.57 0.15
N SER A 113 -2.95 5.17 1.16
CA SER A 113 -2.23 6.04 2.06
C SER A 113 -1.83 5.22 3.27
N VAL A 114 -0.63 5.45 3.76
CA VAL A 114 -0.16 4.84 5.00
C VAL A 114 -0.08 5.90 6.07
N LEU A 115 -0.67 5.64 7.24
CA LEU A 115 -0.54 6.51 8.40
C LEU A 115 0.52 5.87 9.31
N ALA A 116 1.77 6.31 9.19
CA ALA A 116 2.88 5.74 9.95
C ALA A 116 2.69 6.15 11.40
N CYS A 117 2.77 5.16 12.30
CA CYS A 117 2.53 5.36 13.74
C CYS A 117 3.58 4.74 14.58
N TYR A 118 3.79 5.30 15.80
CA TYR A 118 4.70 4.75 16.81
C TYR A 118 4.05 4.96 18.14
N ASN A 119 3.99 3.92 18.96
CA ASN A 119 3.38 4.03 20.29
C ASN A 119 1.93 4.51 20.26
N GLY A 120 1.21 4.12 19.21
CA GLY A 120 -0.18 4.51 19.02
C GLY A 120 -0.39 5.94 18.61
N SER A 121 0.69 6.66 18.26
CA SER A 121 0.58 8.05 17.87
C SER A 121 0.99 8.22 16.42
N PRO A 122 0.07 8.78 15.61
CA PRO A 122 0.38 9.02 14.19
C PRO A 122 1.51 10.02 14.02
N SER A 123 2.46 9.70 13.12
CA SER A 123 3.59 10.57 12.84
C SER A 123 3.58 11.20 11.46
N GLY A 124 3.07 10.49 10.46
CA GLY A 124 3.05 11.05 9.11
C GLY A 124 2.19 10.24 8.18
N VAL A 125 1.89 10.80 7.04
CA VAL A 125 1.03 10.12 6.08
C VAL A 125 1.61 10.26 4.69
N TYR A 126 1.60 9.17 3.93
CA TYR A 126 2.17 9.19 2.59
C TYR A 126 1.54 8.09 1.75
N GLN A 127 1.62 8.20 0.43
CA GLN A 127 1.07 7.21 -0.47
C GLN A 127 2.05 6.09 -0.79
N CYS A 128 1.53 4.87 -1.01
CA CYS A 128 2.30 3.69 -1.43
C CYS A 128 1.51 3.01 -2.52
N ALA A 129 2.18 2.35 -3.44
CA ALA A 129 1.52 1.42 -4.35
C ALA A 129 1.87 0.01 -3.86
N MET A 130 0.93 -0.90 -4.00
CA MET A 130 1.21 -2.32 -3.75
C MET A 130 1.97 -2.77 -5.02
N ARG A 131 3.25 -3.15 -4.88
CA ARG A 131 4.02 -3.55 -6.03
C ARG A 131 3.45 -4.83 -6.64
N PRO A 132 3.74 -5.09 -7.92
CA PRO A 132 3.36 -6.39 -8.50
C PRO A 132 3.88 -7.59 -7.68
N ASN A 133 5.03 -7.43 -6.96
CA ASN A 133 5.54 -8.52 -6.12
C ASN A 133 5.05 -8.47 -4.67
N PHE A 134 4.00 -7.69 -4.43
CA PHE A 134 3.31 -7.62 -3.15
C PHE A 134 4.13 -7.11 -2.00
N THR A 135 5.02 -6.19 -2.30
CA THR A 135 5.74 -5.41 -1.30
C THR A 135 5.35 -3.97 -1.53
N ILE A 136 5.64 -3.12 -0.53
CA ILE A 136 5.48 -1.69 -0.68
C ILE A 136 6.78 -1.01 -0.33
N LYS A 137 7.01 0.16 -0.91
CA LYS A 137 8.23 0.93 -0.65
C LYS A 137 7.83 2.11 0.24
N GLY A 138 7.89 1.92 1.55
CA GLY A 138 7.46 2.94 2.47
C GLY A 138 8.56 3.47 3.36
N SER A 139 8.20 3.92 4.54
CA SER A 139 9.12 4.45 5.53
C SER A 139 8.61 3.96 6.86
N PHE A 140 9.29 2.95 7.37
CA PHE A 140 8.85 2.28 8.57
C PHE A 140 10.04 1.90 9.41
N LEU A 141 10.01 2.24 10.69
CA LEU A 141 11.05 1.88 11.63
C LEU A 141 10.53 0.83 12.58
N ASN A 142 11.41 0.30 13.45
CA ASN A 142 10.95 -0.60 14.51
C ASN A 142 9.87 0.12 15.35
N GLY A 143 8.77 -0.57 15.64
CA GLY A 143 7.67 0.03 16.38
C GLY A 143 6.52 0.45 15.49
N SER A 144 6.73 0.48 14.16
CA SER A 144 5.68 0.89 13.24
C SER A 144 4.70 -0.21 12.92
N CYS A 145 4.94 -1.45 13.34
CA CYS A 145 3.97 -2.54 13.13
C CYS A 145 2.58 -2.14 13.58
N GLY A 146 1.60 -2.55 12.82
CA GLY A 146 0.22 -2.19 13.15
C GLY A 146 -0.21 -0.90 12.51
N SER A 147 0.72 -0.13 11.91
CA SER A 147 0.33 1.05 11.11
C SER A 147 -0.46 0.54 9.91
N VAL A 148 -1.48 1.28 9.49
CA VAL A 148 -2.36 0.83 8.45
C VAL A 148 -2.33 1.67 7.19
N GLY A 149 -2.71 1.02 6.10
CA GLY A 149 -2.92 1.59 4.79
C GLY A 149 -4.40 1.62 4.49
N PHE A 150 -4.84 2.67 3.80
CA PHE A 150 -6.25 2.86 3.54
C PHE A 150 -6.51 3.76 2.34
N ASN A 151 -7.74 3.70 1.86
CA ASN A 151 -8.26 4.61 0.85
C ASN A 151 -9.54 5.20 1.44
N ILE A 152 -9.95 6.38 0.97
CA ILE A 152 -11.23 6.95 1.39
C ILE A 152 -12.07 7.02 0.12
N ASP A 153 -13.27 6.45 0.16
CA ASP A 153 -14.17 6.47 -1.00
C ASP A 153 -15.46 7.08 -0.53
N TYR A 154 -15.75 8.31 -0.99
CA TYR A 154 -16.90 9.10 -0.62
C TYR A 154 -16.76 9.43 0.89
N ASP A 155 -17.44 8.72 1.78
CA ASP A 155 -17.32 8.95 3.23
C ASP A 155 -16.99 7.64 3.96
N CYS A 156 -16.32 6.69 3.30
CA CYS A 156 -16.02 5.39 3.91
C CYS A 156 -14.53 5.13 3.86
N VAL A 157 -13.94 4.71 4.99
CA VAL A 157 -12.51 4.36 5.01
C VAL A 157 -12.36 2.89 4.66
N SER A 158 -11.65 2.60 3.57
CA SER A 158 -11.40 1.22 3.19
C SER A 158 -9.99 0.85 3.65
N PHE A 159 -9.89 0.09 4.75
CA PHE A 159 -8.56 -0.32 5.22
C PHE A 159 -8.07 -1.48 4.37
N CYS A 160 -6.82 -1.41 3.92
CA CYS A 160 -6.29 -2.47 3.07
C CYS A 160 -5.00 -3.07 3.50
N TYR A 161 -4.28 -2.45 4.42
CA TYR A 161 -2.93 -2.91 4.76
C TYR A 161 -2.68 -2.71 6.22
N MET A 162 -1.96 -3.66 6.83
CA MET A 162 -1.46 -3.51 8.18
C MET A 162 0.03 -3.92 8.10
N HIS A 163 0.91 -3.11 8.65
CA HIS A 163 2.34 -3.33 8.57
C HIS A 163 2.88 -4.39 9.49
N HIS A 164 3.71 -5.29 8.97
CA HIS A 164 4.32 -6.33 9.83
C HIS A 164 5.84 -6.36 9.76
N MET A 165 6.45 -6.04 8.58
CA MET A 165 7.89 -6.33 8.48
C MET A 165 8.60 -5.60 7.38
N GLU A 166 9.93 -5.61 7.45
CA GLU A 166 10.76 -5.09 6.39
C GLU A 166 11.63 -6.24 5.92
N LEU A 167 11.71 -6.44 4.62
CA LEU A 167 12.57 -7.48 4.07
C LEU A 167 13.99 -6.94 3.97
N PRO A 168 15.04 -7.79 4.01
CA PRO A 168 16.42 -7.28 3.91
C PRO A 168 16.77 -6.48 2.66
N THR A 169 15.91 -6.45 1.63
CA THR A 169 16.11 -5.57 0.48
C THR A 169 15.62 -4.13 0.72
N GLY A 170 15.05 -3.88 1.90
CA GLY A 170 14.61 -2.55 2.27
C GLY A 170 13.20 -2.19 1.87
N VAL A 171 12.41 -3.17 1.48
CA VAL A 171 11.00 -3.00 1.11
C VAL A 171 10.14 -3.60 2.24
N HIS A 172 8.86 -3.31 2.24
CA HIS A 172 7.98 -3.58 3.35
C HIS A 172 6.89 -4.55 3.00
N ALA A 173 6.47 -5.33 4.01
CA ALA A 173 5.44 -6.32 3.80
C ALA A 173 4.45 -6.38 4.95
N GLY A 174 3.24 -6.80 4.62
CA GLY A 174 2.19 -6.85 5.62
C GLY A 174 0.97 -7.56 5.13
N THR A 175 -0.12 -7.39 5.86
CA THR A 175 -1.33 -8.16 5.59
C THR A 175 -2.50 -7.26 5.28
N ASP A 176 -3.60 -7.85 4.81
CA ASP A 176 -4.88 -7.17 4.77
C ASP A 176 -5.41 -7.16 6.25
N LEU A 177 -6.57 -6.54 6.48
CA LEU A 177 -7.09 -6.44 7.86
C LEU A 177 -7.76 -7.74 8.34
N GLU A 178 -7.87 -8.74 7.46
CA GLU A 178 -8.25 -10.08 7.82
C GLU A 178 -7.01 -10.95 8.14
N GLY A 179 -5.81 -10.37 8.11
CA GLY A 179 -4.60 -11.09 8.48
C GLY A 179 -3.93 -11.89 7.41
N ASN A 180 -4.37 -11.77 6.15
CA ASN A 180 -3.73 -12.52 5.08
C ASN A 180 -2.61 -11.71 4.52
N PHE A 181 -1.38 -12.23 4.53
CA PHE A 181 -0.26 -11.50 3.93
C PHE A 181 -0.50 -11.24 2.45
N TYR A 182 -0.04 -10.09 2.02
CA TYR A 182 0.12 -9.82 0.61
C TYR A 182 1.47 -10.50 0.28
N GLY A 183 1.48 -11.31 -0.78
CA GLY A 183 2.71 -11.96 -1.18
C GLY A 183 2.97 -13.24 -0.41
N PRO A 184 4.17 -13.79 -0.67
CA PRO A 184 4.50 -15.10 -0.09
C PRO A 184 5.00 -15.10 1.35
N PHE A 185 4.99 -13.95 1.98
CA PHE A 185 5.63 -13.76 3.27
C PHE A 185 4.94 -14.42 4.43
N VAL A 186 5.74 -14.75 5.46
CA VAL A 186 5.27 -15.37 6.68
C VAL A 186 5.82 -14.64 7.90
N ASP A 187 5.07 -14.68 9.00
CA ASP A 187 5.50 -14.04 10.25
C ASP A 187 6.33 -14.98 11.09
N ARG A 188 7.46 -15.39 10.52
CA ARG A 188 8.44 -16.27 11.14
C ARG A 188 9.80 -15.73 10.78
N GLN A 189 10.73 -15.84 11.72
CA GLN A 189 12.09 -15.37 11.55
C GLN A 189 12.84 -16.44 10.79
N THR A 190 12.60 -16.44 9.49
CA THR A 190 13.21 -17.33 8.54
C THR A 190 13.50 -16.54 7.26
N ALA A 191 14.54 -16.95 6.53
CA ALA A 191 14.93 -16.23 5.32
C ALA A 191 13.82 -16.20 4.29
N GLN A 192 13.51 -15.01 3.83
CA GLN A 192 12.43 -14.77 2.89
C GLN A 192 12.87 -13.72 1.93
N ALA A 193 12.35 -13.82 0.71
CA ALA A 193 12.67 -12.83 -0.32
C ALA A 193 11.47 -12.62 -1.22
N ALA A 194 11.25 -11.37 -1.60
CA ALA A 194 10.19 -11.03 -2.52
C ALA A 194 10.51 -11.61 -3.90
N GLY A 195 9.47 -11.92 -4.65
CA GLY A 195 9.60 -12.35 -6.02
C GLY A 195 10.02 -11.20 -6.92
N THR A 196 10.30 -11.50 -8.19
CA THR A 196 10.68 -10.47 -9.14
C THR A 196 9.59 -9.42 -9.30
N ASP A 197 10.00 -8.17 -9.26
CA ASP A 197 9.05 -7.08 -9.45
C ASP A 197 9.06 -6.65 -10.92
N THR A 198 8.08 -5.88 -11.29
CA THR A 198 7.96 -5.36 -12.65
C THR A 198 7.39 -3.95 -12.51
N THR A 199 7.48 -3.18 -13.59
CA THR A 199 6.95 -1.81 -13.58
C THR A 199 5.49 -1.86 -14.00
N ILE A 200 4.68 -1.04 -13.33
CA ILE A 200 3.22 -1.02 -13.52
C ILE A 200 2.92 -0.11 -14.72
N THR A 201 2.86 -0.71 -15.91
CA THR A 201 2.71 0.01 -17.15
C THR A 201 1.55 0.96 -17.19
N VAL A 202 0.35 0.52 -16.77
CA VAL A 202 -0.83 1.37 -16.80
C VAL A 202 -0.64 2.60 -15.93
N ASN A 203 0.13 2.48 -14.84
CA ASN A 203 0.41 3.62 -13.98
C ASN A 203 1.39 4.58 -14.61
N VAL A 204 2.43 4.10 -15.31
CA VAL A 204 3.36 4.98 -16.02
C VAL A 204 2.57 5.75 -17.09
N LEU A 205 1.63 5.10 -17.80
CA LEU A 205 0.83 5.80 -18.80
C LEU A 205 -0.04 6.86 -18.11
N ALA A 206 -0.64 6.52 -16.95
CA ALA A 206 -1.44 7.51 -16.21
C ALA A 206 -0.58 8.74 -15.84
N TRP A 207 0.66 8.52 -15.42
CA TRP A 207 1.55 9.61 -15.05
C TRP A 207 1.99 10.43 -16.27
N LEU A 208 2.13 9.81 -17.45
CA LEU A 208 2.38 10.58 -18.66
C LEU A 208 1.18 11.43 -19.00
N TYR A 209 -0.06 10.93 -18.77
CA TYR A 209 -1.24 11.78 -18.95
C TYR A 209 -1.24 12.92 -17.94
N ALA A 210 -0.88 12.65 -16.67
CA ALA A 210 -0.76 13.69 -15.66
C ALA A 210 0.25 14.75 -16.12
N ALA A 211 1.36 14.32 -16.73
CA ALA A 211 2.38 15.24 -17.21
C ALA A 211 1.84 16.13 -18.32
N VAL A 212 1.07 15.58 -19.26
CA VAL A 212 0.49 16.38 -20.34
C VAL A 212 -0.51 17.38 -19.77
N ILE A 213 -1.38 16.92 -18.86
CA ILE A 213 -2.36 17.82 -18.23
C ILE A 213 -1.65 19.00 -17.54
N ASN A 214 -0.47 18.73 -16.99
CA ASN A 214 0.28 19.70 -16.23
C ASN A 214 1.41 20.39 -17.02
N GLY A 215 1.35 20.35 -18.35
CA GLY A 215 2.24 21.11 -19.21
C GLY A 215 3.52 20.50 -19.74
N ASP A 216 3.82 19.25 -19.39
CA ASP A 216 5.01 18.59 -19.92
C ASP A 216 4.53 17.72 -21.06
N ARG A 217 4.86 18.12 -22.29
CA ARG A 217 4.40 17.45 -23.50
C ARG A 217 5.54 17.04 -24.43
N TRP A 218 6.81 17.30 -24.09
CA TRP A 218 7.92 17.07 -25.02
C TRP A 218 8.02 15.64 -25.55
N PHE A 219 7.60 14.66 -24.76
CA PHE A 219 7.69 13.24 -25.12
C PHE A 219 6.60 12.79 -26.08
N LEU A 220 5.61 13.65 -26.36
CA LEU A 220 4.56 13.30 -27.30
C LEU A 220 5.15 13.26 -28.70
N ASN A 221 4.65 12.34 -29.50
CA ASN A 221 5.09 12.19 -30.88
C ASN A 221 3.90 11.90 -31.80
N ARG A 222 4.12 11.94 -33.09
CA ARG A 222 3.05 11.71 -34.06
C ARG A 222 2.70 10.23 -34.23
N PHE A 223 3.50 9.32 -33.66
CA PHE A 223 3.39 7.88 -33.86
C PHE A 223 2.38 7.22 -32.95
N THR A 224 1.89 6.08 -33.41
CA THR A 224 1.01 5.22 -32.62
C THR A 224 1.59 3.79 -32.71
N THR A 225 1.04 2.89 -31.92
CA THR A 225 1.48 1.52 -31.92
C THR A 225 0.27 0.62 -31.77
N THR A 226 0.46 -0.67 -32.04
CA THR A 226 -0.57 -1.63 -31.73
C THR A 226 -0.31 -2.06 -30.28
N LEU A 227 -1.31 -2.63 -29.62
CA LEU A 227 -1.16 -3.13 -28.27
C LEU A 227 -0.12 -4.28 -28.26
N ASN A 228 -0.16 -5.15 -29.28
CA ASN A 228 0.79 -6.24 -29.40
C ASN A 228 2.24 -5.75 -29.60
N ASP A 229 2.47 -4.75 -30.47
CA ASP A 229 3.82 -4.23 -30.71
C ASP A 229 4.37 -3.52 -29.49
N PHE A 230 3.50 -2.81 -28.76
CA PHE A 230 3.91 -2.15 -27.53
C PHE A 230 4.36 -3.20 -26.50
N ASN A 231 3.59 -4.28 -26.39
CA ASN A 231 3.89 -5.32 -25.41
C ASN A 231 5.21 -6.03 -25.67
N LEU A 232 5.72 -6.04 -26.93
CA LEU A 232 7.05 -6.61 -27.21
C LEU A 232 8.13 -5.74 -26.54
N VAL A 233 7.96 -4.42 -26.54
CA VAL A 233 8.89 -3.49 -25.88
C VAL A 233 8.74 -3.57 -24.36
N ALA A 234 7.49 -3.62 -23.86
CA ALA A 234 7.25 -3.74 -22.42
C ALA A 234 7.99 -4.92 -21.81
N MET A 235 7.95 -6.07 -22.50
CA MET A 235 8.65 -7.28 -22.07
C MET A 235 10.15 -7.06 -21.94
N LYS A 236 10.78 -6.41 -22.94
CA LYS A 236 12.22 -6.15 -22.91
C LYS A 236 12.63 -5.28 -21.74
N TYR A 237 11.74 -4.36 -21.31
CA TYR A 237 12.08 -3.46 -20.22
C TYR A 237 11.46 -3.83 -18.89
N ASN A 238 10.96 -5.07 -18.75
CA ASN A 238 10.35 -5.52 -17.51
C ASN A 238 9.19 -4.63 -17.05
N TYR A 239 8.31 -4.33 -17.99
CA TYR A 239 7.08 -3.59 -17.76
C TYR A 239 5.97 -4.64 -17.92
N GLU A 240 4.91 -4.53 -17.10
CA GLU A 240 3.79 -5.46 -17.20
C GLU A 240 3.11 -5.36 -18.56
N PRO A 241 2.57 -6.47 -19.11
CA PRO A 241 1.84 -6.35 -20.39
C PRO A 241 0.62 -5.44 -20.17
N LEU A 242 0.35 -4.62 -21.16
CA LEU A 242 -0.81 -3.74 -21.14
C LEU A 242 -1.99 -4.49 -21.80
N THR A 243 -3.13 -4.50 -21.15
CA THR A 243 -4.32 -5.18 -21.68
C THR A 243 -5.38 -4.18 -22.15
N GLN A 244 -6.44 -4.65 -22.87
CA GLN A 244 -7.53 -3.77 -23.26
C GLN A 244 -8.25 -3.24 -22.00
N ASP A 245 -8.26 -4.00 -20.88
CA ASP A 245 -8.85 -3.53 -19.63
C ASP A 245 -8.07 -2.32 -19.14
N HIS A 246 -6.73 -2.34 -19.24
CA HIS A 246 -5.91 -1.18 -18.86
C HIS A 246 -6.22 0.00 -19.77
N VAL A 247 -6.39 -0.26 -21.06
CA VAL A 247 -6.74 0.79 -22.02
C VAL A 247 -8.08 1.44 -21.62
N ASP A 248 -9.07 0.63 -21.25
CA ASP A 248 -10.38 1.09 -20.81
C ASP A 248 -10.27 1.93 -19.52
N ILE A 249 -9.46 1.49 -18.56
CA ILE A 249 -9.25 2.20 -17.30
C ILE A 249 -8.65 3.59 -17.54
N LEU A 250 -7.82 3.72 -18.60
CA LEU A 250 -7.20 4.99 -18.98
C LEU A 250 -8.15 5.92 -19.77
N GLY A 251 -9.34 5.44 -20.12
CA GLY A 251 -10.34 6.20 -20.87
C GLY A 251 -10.60 7.61 -20.40
N PRO A 252 -10.84 7.84 -19.10
CA PRO A 252 -11.08 9.22 -18.63
C PRO A 252 -9.92 10.15 -18.92
N LEU A 253 -8.69 9.65 -18.80
CA LEU A 253 -7.49 10.48 -19.07
C LEU A 253 -7.35 10.76 -20.55
N SER A 254 -7.67 9.78 -21.39
N SER A 254 -7.68 9.77 -21.39
CA SER A 254 -7.66 9.96 -22.83
CA SER A 254 -7.66 9.98 -22.84
C SER A 254 -8.70 11.03 -23.23
C SER A 254 -8.70 11.02 -23.24
N ALA A 255 -9.84 11.09 -22.53
CA ALA A 255 -10.87 12.10 -22.84
C ALA A 255 -10.50 13.51 -22.35
N GLN A 256 -9.88 13.63 -21.16
CA GLN A 256 -9.50 14.93 -20.64
C GLN A 256 -8.43 15.60 -21.54
N THR A 257 -7.50 14.79 -22.08
CA THR A 257 -6.39 15.27 -22.90
C THR A 257 -6.60 15.22 -24.40
N GLY A 258 -7.52 14.39 -24.85
CA GLY A 258 -7.73 14.16 -26.27
C GLY A 258 -6.64 13.31 -26.89
N ILE A 259 -5.82 12.59 -26.06
CA ILE A 259 -4.73 11.78 -26.59
C ILE A 259 -5.09 10.32 -26.46
N ALA A 260 -5.18 9.61 -27.58
CA ALA A 260 -5.51 8.19 -27.60
C ALA A 260 -4.49 7.36 -26.81
N VAL A 261 -4.97 6.32 -26.13
CA VAL A 261 -4.11 5.47 -25.32
C VAL A 261 -2.93 4.88 -26.12
N LEU A 262 -3.20 4.33 -27.33
CA LEU A 262 -2.10 3.76 -28.13
C LEU A 262 -1.11 4.83 -28.60
N ASP A 263 -1.54 6.11 -28.71
CA ASP A 263 -0.63 7.20 -29.07
C ASP A 263 0.33 7.43 -27.87
N MET A 264 -0.21 7.41 -26.64
CA MET A 264 0.63 7.54 -25.45
C MET A 264 1.59 6.34 -25.30
N CYS A 265 1.15 5.15 -25.73
CA CYS A 265 1.99 3.96 -25.70
C CYS A 265 3.24 4.15 -26.61
N ALA A 266 3.08 4.86 -27.75
CA ALA A 266 4.22 5.14 -28.62
C ALA A 266 5.23 6.08 -27.96
N SER A 267 4.73 7.03 -27.14
CA SER A 267 5.61 7.91 -26.38
C SER A 267 6.39 7.10 -25.36
N LEU A 268 5.71 6.20 -24.65
CA LEU A 268 6.35 5.39 -23.65
C LEU A 268 7.42 4.47 -24.30
N LYS A 269 7.11 3.93 -25.48
CA LYS A 269 8.07 3.12 -26.23
C LYS A 269 9.39 3.91 -26.49
N GLU A 270 9.28 5.17 -26.97
CA GLU A 270 10.44 6.01 -27.22
C GLU A 270 11.23 6.35 -25.96
N LEU A 271 10.52 6.59 -24.84
CA LEU A 271 11.18 6.89 -23.58
C LEU A 271 11.94 5.66 -23.08
N LEU A 272 11.35 4.47 -23.23
CA LEU A 272 12.03 3.25 -22.80
C LEU A 272 13.31 2.98 -23.58
N GLN A 273 13.24 3.12 -24.90
CA GLN A 273 14.37 2.83 -25.76
C GLN A 273 15.46 3.90 -25.78
N ASN A 274 15.10 5.17 -25.61
CA ASN A 274 16.07 6.26 -25.74
C ASN A 274 16.37 7.05 -24.48
N GLY A 275 15.53 6.91 -23.46
CA GLY A 275 15.69 7.67 -22.23
C GLY A 275 15.13 9.07 -22.37
N MET A 276 15.49 9.96 -21.44
CA MET A 276 15.00 11.34 -21.48
C MET A 276 15.96 12.35 -22.10
N ASN A 277 17.19 11.93 -22.45
CA ASN A 277 18.20 12.82 -23.01
C ASN A 277 18.45 14.05 -22.13
N GLY A 278 18.49 13.84 -20.82
CA GLY A 278 18.74 14.90 -19.86
C GLY A 278 17.56 15.76 -19.48
N ARG A 279 16.37 15.43 -20.00
CA ARG A 279 15.16 16.20 -19.68
C ARG A 279 14.38 15.57 -18.53
N THR A 280 13.36 16.26 -18.02
CA THR A 280 12.55 15.75 -16.91
C THR A 280 11.06 15.74 -17.25
N ILE A 281 10.29 14.93 -16.54
CA ILE A 281 8.84 14.88 -16.69
C ILE A 281 8.29 15.06 -15.28
N LEU A 282 7.47 16.09 -15.05
CA LEU A 282 6.95 16.39 -13.71
C LEU A 282 8.00 16.38 -12.59
N GLY A 283 9.16 16.96 -12.89
CA GLY A 283 10.24 17.05 -11.92
C GLY A 283 10.93 15.74 -11.62
N SER A 284 10.88 14.80 -12.57
CA SER A 284 11.53 13.51 -12.39
C SER A 284 12.38 13.15 -13.60
N ALA A 285 13.54 12.54 -13.36
CA ALA A 285 14.38 12.04 -14.43
C ALA A 285 14.17 10.55 -14.68
N LEU A 286 13.19 9.91 -14.00
CA LEU A 286 12.85 8.52 -14.19
C LEU A 286 11.33 8.41 -14.38
N LEU A 287 10.88 7.32 -14.98
CA LEU A 287 9.46 7.10 -15.21
C LEU A 287 8.81 6.62 -13.89
N GLU A 288 7.72 7.24 -13.52
CA GLU A 288 7.00 6.97 -12.27
C GLU A 288 5.84 6.01 -12.48
N ASP A 289 5.75 4.98 -11.63
CA ASP A 289 4.67 4.01 -11.75
C ASP A 289 3.84 3.87 -10.51
N GLU A 290 3.85 4.84 -9.58
CA GLU A 290 3.06 4.67 -8.36
C GLU A 290 1.83 5.55 -8.31
N PHE A 291 1.34 6.03 -9.45
CA PHE A 291 0.07 6.72 -9.56
C PHE A 291 -0.87 5.90 -10.41
N THR A 292 -2.03 5.54 -9.89
CA THR A 292 -3.00 4.84 -10.72
C THR A 292 -3.70 5.85 -11.62
N PRO A 293 -4.40 5.36 -12.65
CA PRO A 293 -5.23 6.25 -13.46
C PRO A 293 -6.25 7.00 -12.61
N PHE A 294 -6.87 6.34 -11.60
CA PHE A 294 -7.84 7.06 -10.77
C PHE A 294 -7.16 8.11 -9.92
N ASP A 295 -5.94 7.88 -9.46
CA ASP A 295 -5.20 8.89 -8.71
C ASP A 295 -5.02 10.17 -9.54
N VAL A 296 -4.75 10.01 -10.85
CA VAL A 296 -4.58 11.17 -11.70
C VAL A 296 -5.91 11.89 -11.90
N VAL A 297 -6.97 11.13 -12.19
CA VAL A 297 -8.29 11.73 -12.39
C VAL A 297 -8.74 12.49 -11.15
N ARG A 298 -8.60 11.89 -9.97
CA ARG A 298 -9.09 12.56 -8.77
C ARG A 298 -8.31 13.80 -8.43
N GLN A 299 -7.00 13.80 -8.69
CA GLN A 299 -6.17 14.95 -8.37
C GLN A 299 -6.35 16.06 -9.39
N CYS A 300 -6.46 15.71 -10.66
CA CYS A 300 -6.62 16.71 -11.72
C CYS A 300 -8.05 17.25 -11.86
N SER A 301 -9.04 16.58 -11.22
CA SER A 301 -10.44 17.02 -11.22
C SER A 301 -10.79 17.62 -9.85
N GLY B 2 12.81 -8.40 8.97
CA GLY B 2 12.89 -7.63 10.19
C GLY B 2 11.49 -7.25 10.61
N PHE B 3 11.04 -7.77 11.76
CA PHE B 3 9.68 -7.53 12.21
C PHE B 3 9.60 -6.20 12.93
#